data_2Q3D
#
_entry.id   2Q3D
#
_cell.length_a   71.785
_cell.length_b   71.785
_cell.length_c   181.179
_cell.angle_alpha   90.00
_cell.angle_beta   90.00
_cell.angle_gamma   90.00
#
_symmetry.space_group_name_H-M   'P 41 21 2'
#
loop_
_entity.id
_entity.type
_entity.pdbx_description
1 polymer 'Cysteine synthase A'
2 non-polymer '2-[(3-HYDROXY-2-METHYL-5-PHOSPHONOOXYMETHYL-PYRIDIN-4-YLMETHYL)-AMINO]-PROPIONIC ACID'
3 non-polymer (4S)-2-METHYL-2,4-PENTANEDIOL
4 water water
#
_entity_poly.entity_id   1
_entity_poly.type   'polypeptide(L)'
_entity_poly.pdbx_seq_one_letter_code
;GSHMSIAEDITQLIGRTPLVRLRRVTDGAVADIVAKLEFFNPANSVKDRIGVAMLQAAEQAGLIKPDTIILEPTSGNTGI
ALAMVCAARGYRCVLTMPETMSLERRMLLRAYGAELILTPGADGMSGAIAKAEELAKTDQRYFVPQQFENPANPAIHRVT
TAEEVWRDTDGKVDIVVAGVGTGGTITGVAQVIKERKPSARFVAVEPAASPVLSGGQKGPHPIQGIGAGFVPPVLDQDLV
DEIITVGNEDALNVARRLAREEGLLVGISSGAATVAALQVARRPENAGKLIVVVLPDFGERYLSTPLFADVAD
;
_entity_poly.pdbx_strand_id   A
#
# COMPACT_ATOMS: atom_id res chain seq x y z
N MET A 4 -29.22 -8.80 -9.70
CA MET A 4 -29.20 -7.69 -8.68
C MET A 4 -27.82 -7.41 -8.05
N SER A 5 -27.15 -6.36 -8.51
CA SER A 5 -25.79 -6.05 -8.07
C SER A 5 -25.78 -5.01 -6.97
N ILE A 6 -26.00 -5.42 -5.73
CA ILE A 6 -26.04 -4.49 -4.59
C ILE A 6 -25.21 -5.12 -3.49
N ALA A 7 -24.16 -4.44 -3.04
CA ALA A 7 -23.31 -4.92 -1.96
C ALA A 7 -24.06 -4.86 -0.62
N GLU A 8 -23.89 -5.90 0.20
CA GLU A 8 -24.53 -6.00 1.50
C GLU A 8 -23.95 -4.97 2.47
N ASP A 9 -22.66 -4.73 2.34
CA ASP A 9 -22.00 -3.66 3.05
C ASP A 9 -20.75 -3.25 2.29
N ILE A 10 -20.01 -2.33 2.90
CA ILE A 10 -18.88 -1.66 2.31
C ILE A 10 -17.70 -2.60 2.07
N THR A 11 -17.68 -3.74 2.78
CA THR A 11 -16.60 -4.73 2.65
C THR A 11 -16.69 -5.53 1.36
N GLN A 12 -17.86 -5.51 0.73
CA GLN A 12 -18.02 -6.18 -0.55
C GLN A 12 -17.67 -5.25 -1.70
N LEU A 13 -17.16 -4.07 -1.36
CA LEU A 13 -16.89 -3.07 -2.35
C LEU A 13 -15.41 -2.83 -2.57
N ILE A 14 -14.57 -3.66 -1.95
CA ILE A 14 -13.11 -3.49 -2.05
C ILE A 14 -12.59 -4.10 -3.36
N GLY A 15 -11.59 -3.47 -3.95
CA GLY A 15 -10.81 -4.10 -5.00
C GLY A 15 -11.43 -3.88 -6.35
N ARG A 16 -11.06 -4.72 -7.32
CA ARG A 16 -11.61 -4.61 -8.66
CA ARG A 16 -11.58 -4.62 -8.68
C ARG A 16 -11.28 -3.23 -9.25
N THR A 17 -10.06 -2.74 -8.95
CA THR A 17 -9.59 -1.45 -9.40
C THR A 17 -9.11 -1.43 -10.86
N PRO A 18 -9.28 -0.27 -11.55
CA PRO A 18 -8.96 -0.14 -12.97
C PRO A 18 -7.48 0.10 -13.24
N LEU A 19 -7.05 -0.42 -14.40
CA LEU A 19 -5.78 -0.04 -15.03
C LEU A 19 -5.95 1.10 -16.03
N VAL A 20 -4.99 2.04 -16.05
CA VAL A 20 -5.03 3.15 -17.02
C VAL A 20 -3.67 3.33 -17.68
N ARG A 21 -3.66 3.56 -18.99
CA ARG A 21 -2.38 3.75 -19.69
C ARG A 21 -1.82 5.13 -19.43
N LEU A 22 -0.54 5.23 -19.08
CA LEU A 22 0.11 6.55 -19.00
C LEU A 22 0.51 7.03 -20.40
N ARG A 23 0.29 8.32 -20.66
CA ARG A 23 0.44 8.89 -21.99
C ARG A 23 1.51 9.98 -22.11
N ARG A 24 1.56 10.87 -21.12
CA ARG A 24 2.44 12.05 -21.12
CA ARG A 24 2.49 11.99 -21.16
C ARG A 24 3.65 11.86 -20.17
N VAL A 25 3.39 11.23 -19.04
CA VAL A 25 4.45 10.99 -18.04
C VAL A 25 5.17 9.68 -18.42
N THR A 26 5.84 9.71 -19.57
CA THR A 26 6.40 8.50 -20.18
C THR A 26 7.76 8.79 -20.81
N ASP A 27 8.41 9.86 -20.35
CA ASP A 27 9.63 10.40 -20.97
C ASP A 27 10.73 9.36 -21.18
N GLY A 28 11.02 9.07 -22.44
CA GLY A 28 12.08 8.15 -22.77
C GLY A 28 11.68 6.69 -22.72
N ALA A 29 10.39 6.41 -22.52
CA ALA A 29 9.90 5.02 -22.35
C ALA A 29 9.91 4.29 -23.65
N VAL A 30 10.37 3.04 -23.61
CA VAL A 30 10.30 2.13 -24.74
C VAL A 30 9.31 0.97 -24.44
N ALA A 31 8.96 0.80 -23.17
CA ALA A 31 7.91 -0.14 -22.76
C ALA A 31 6.61 0.60 -22.53
N ASP A 32 5.52 -0.15 -22.53
CA ASP A 32 4.22 0.40 -22.21
C ASP A 32 4.01 0.42 -20.67
N ILE A 33 3.59 1.57 -20.13
CA ILE A 33 3.32 1.69 -18.70
C ILE A 33 1.84 1.91 -18.41
N VAL A 34 1.25 1.03 -17.62
CA VAL A 34 -0.14 1.20 -17.19
C VAL A 34 -0.23 1.22 -15.67
N ALA A 35 -1.01 2.15 -15.14
CA ALA A 35 -1.11 2.29 -13.70
C ALA A 35 -2.38 1.63 -13.19
N LYS A 36 -2.25 0.87 -12.10
CA LYS A 36 -3.39 0.28 -11.38
C LYS A 36 -3.79 1.25 -10.26
N LEU A 37 -5.05 1.67 -10.36
CA LEU A 37 -5.55 2.83 -9.62
C LEU A 37 -6.33 2.43 -8.37
N GLU A 38 -5.62 2.34 -7.25
CA GLU A 38 -6.17 1.80 -6.01
C GLU A 38 -7.03 2.78 -5.19
N PHE A 39 -7.20 4.00 -5.65
CA PHE A 39 -8.09 4.90 -4.93
C PHE A 39 -9.58 4.66 -5.27
N PHE A 40 -9.81 3.75 -6.20
CA PHE A 40 -11.15 3.24 -6.51
C PHE A 40 -11.56 2.17 -5.49
N ASN A 41 -11.13 2.34 -4.25
CA ASN A 41 -11.50 1.47 -3.14
C ASN A 41 -12.39 2.29 -2.20
N PRO A 42 -13.19 1.64 -1.34
CA PRO A 42 -14.22 2.37 -0.61
C PRO A 42 -13.73 3.45 0.37
N ALA A 43 -12.45 3.40 0.74
CA ALA A 43 -11.79 4.48 1.53
C ALA A 43 -10.52 4.98 0.83
N ASN A 44 -10.49 4.77 -0.48
CA ASN A 44 -9.50 5.32 -1.41
C ASN A 44 -8.05 4.88 -1.24
N SER A 45 -7.81 3.62 -0.89
CA SER A 45 -6.45 3.13 -0.90
C SER A 45 -6.42 1.63 -1.04
N VAL A 46 -5.29 1.17 -1.57
CA VAL A 46 -4.98 -0.25 -1.64
C VAL A 46 -5.29 -0.96 -0.31
N LYS A 47 -5.05 -0.28 0.81
CA LYS A 47 -5.08 -0.96 2.12
C LYS A 47 -6.47 -1.37 2.55
N ASP A 48 -7.51 -0.86 1.89
CA ASP A 48 -8.89 -1.30 2.16
C ASP A 48 -8.98 -2.80 1.98
N ARG A 49 -8.24 -3.32 1.00
CA ARG A 49 -8.12 -4.75 0.74
C ARG A 49 -7.70 -5.52 1.99
N ILE A 50 -6.67 -5.05 2.69
CA ILE A 50 -6.14 -5.84 3.81
C ILE A 50 -6.93 -5.58 5.09
N GLY A 51 -7.50 -4.38 5.20
CA GLY A 51 -8.38 -3.99 6.31
C GLY A 51 -9.56 -4.94 6.40
N VAL A 52 -10.22 -5.18 5.27
CA VAL A 52 -11.26 -6.20 5.27
CA VAL A 52 -11.27 -6.19 5.24
C VAL A 52 -10.67 -7.58 5.51
N ALA A 53 -9.62 -7.92 4.75
CA ALA A 53 -9.08 -9.28 4.74
C ALA A 53 -8.58 -9.74 6.10
N MET A 54 -7.87 -8.86 6.81
CA MET A 54 -7.31 -9.24 8.10
C MET A 54 -8.40 -9.47 9.15
N LEU A 55 -9.49 -8.71 9.06
CA LEU A 55 -10.60 -8.87 9.99
C LEU A 55 -11.45 -10.10 9.66
N GLN A 56 -11.68 -10.34 8.37
CA GLN A 56 -12.38 -11.54 7.94
C GLN A 56 -11.64 -12.79 8.39
N ALA A 57 -10.32 -12.81 8.24
CA ALA A 57 -9.49 -13.91 8.71
C ALA A 57 -9.67 -14.15 10.21
N ALA A 58 -9.67 -13.06 10.99
CA ALA A 58 -9.83 -13.14 12.44
C ALA A 58 -11.19 -13.71 12.84
N GLU A 59 -12.25 -13.15 12.26
CA GLU A 59 -13.62 -13.63 12.39
C GLU A 59 -13.79 -15.11 12.06
N GLN A 60 -13.19 -15.53 10.95
CA GLN A 60 -13.29 -16.92 10.52
C GLN A 60 -12.50 -17.87 11.40
N ALA A 61 -11.53 -17.36 12.16
CA ALA A 61 -10.77 -18.18 13.09
C ALA A 61 -11.27 -18.00 14.52
N GLY A 62 -12.33 -17.22 14.66
CA GLY A 62 -13.01 -17.03 15.92
C GLY A 62 -12.24 -16.19 16.89
N LEU A 63 -11.46 -15.25 16.36
CA LEU A 63 -10.57 -14.46 17.21
C LEU A 63 -11.21 -13.17 17.75
N ILE A 64 -12.36 -12.80 17.20
CA ILE A 64 -13.08 -11.61 17.66
C ILE A 64 -14.15 -11.99 18.67
N LYS A 65 -14.06 -11.37 19.85
CA LYS A 65 -15.00 -11.53 20.96
C LYS A 65 -15.85 -10.26 21.09
N PRO A 66 -17.02 -10.36 21.76
CA PRO A 66 -17.85 -9.18 22.02
C PRO A 66 -17.12 -7.96 22.61
N ASP A 67 -16.10 -8.18 23.42
CA ASP A 67 -15.40 -7.05 24.06
C ASP A 67 -14.08 -6.69 23.39
N THR A 68 -13.76 -7.36 22.28
CA THR A 68 -12.54 -7.14 21.53
C THR A 68 -12.35 -5.69 21.06
N ILE A 69 -11.13 -5.19 21.23
CA ILE A 69 -10.72 -3.89 20.71
C ILE A 69 -9.63 -4.16 19.67
N ILE A 70 -9.86 -3.68 18.45
CA ILE A 70 -8.88 -3.86 17.38
C ILE A 70 -7.81 -2.80 17.60
N LEU A 71 -6.56 -3.22 17.56
CA LEU A 71 -5.43 -2.34 17.75
C LEU A 71 -4.45 -2.60 16.61
N GLU A 72 -4.09 -1.56 15.87
CA GLU A 72 -3.16 -1.74 14.75
C GLU A 72 -2.17 -0.59 14.61
N PRO A 73 -0.87 -0.90 14.42
CA PRO A 73 0.15 0.05 13.99
C PRO A 73 0.01 0.40 12.50
N THR A 74 -0.05 1.70 12.20
CA THR A 74 -0.23 2.12 10.81
C THR A 74 0.49 3.43 10.47
N SER A 75 0.82 3.62 9.21
CA SER A 75 1.28 4.92 8.75
C SER A 75 0.07 5.68 8.19
N GLY A 76 -1.12 5.08 8.32
CA GLY A 76 -2.34 5.79 7.99
C GLY A 76 -3.42 5.06 7.24
N ASN A 77 -3.07 4.50 6.10
CA ASN A 77 -4.05 3.87 5.22
C ASN A 77 -4.67 2.54 5.73
N THR A 78 -3.87 1.64 6.25
CA THR A 78 -4.42 0.43 6.90
C THR A 78 -5.33 0.84 8.06
N GLY A 79 -4.89 1.83 8.84
CA GLY A 79 -5.66 2.35 9.96
C GLY A 79 -7.01 2.89 9.52
N ILE A 80 -7.01 3.57 8.36
CA ILE A 80 -8.25 4.10 7.78
C ILE A 80 -9.13 2.95 7.29
N ALA A 81 -8.50 1.95 6.71
CA ALA A 81 -9.18 0.76 6.21
C ALA A 81 -9.84 0.00 7.38
N LEU A 82 -9.10 -0.22 8.45
CA LEU A 82 -9.66 -0.92 9.62
C LEU A 82 -10.74 -0.10 10.32
N ALA A 83 -10.52 1.20 10.44
CA ALA A 83 -11.52 2.10 11.05
C ALA A 83 -12.83 1.99 10.28
N MET A 84 -12.73 1.87 8.96
CA MET A 84 -13.90 1.81 8.10
C MET A 84 -14.62 0.49 8.24
N VAL A 85 -13.86 -0.61 8.25
CA VAL A 85 -14.44 -1.93 8.43
C VAL A 85 -15.06 -2.02 9.82
N CYS A 86 -14.38 -1.48 10.84
CA CYS A 86 -14.94 -1.43 12.20
C CYS A 86 -16.21 -0.61 12.33
N ALA A 87 -16.34 0.47 11.55
CA ALA A 87 -17.56 1.25 11.55
C ALA A 87 -18.71 0.39 11.07
N ALA A 88 -18.52 -0.27 9.93
CA ALA A 88 -19.56 -1.11 9.36
C ALA A 88 -19.91 -2.31 10.27
N ARG A 89 -18.90 -2.87 10.92
CA ARG A 89 -19.05 -4.07 11.75
C ARG A 89 -19.61 -3.81 13.14
N GLY A 90 -19.29 -2.63 13.68
CA GLY A 90 -19.66 -2.26 15.03
C GLY A 90 -18.56 -2.50 16.05
N TYR A 91 -17.31 -2.61 15.58
CA TYR A 91 -16.18 -2.90 16.46
C TYR A 91 -15.54 -1.62 16.98
N ARG A 92 -14.90 -1.74 18.13
CA ARG A 92 -14.06 -0.70 18.65
C ARG A 92 -12.68 -0.88 18.05
N CYS A 93 -12.08 0.23 17.62
CA CYS A 93 -10.84 0.22 16.86
C CYS A 93 -9.90 1.34 17.34
N VAL A 94 -8.66 0.97 17.68
CA VAL A 94 -7.63 1.92 18.12
C VAL A 94 -6.41 1.82 17.17
N LEU A 95 -5.83 2.96 16.80
CA LEU A 95 -4.67 2.96 15.90
C LEU A 95 -3.51 3.68 16.51
N THR A 96 -2.31 3.09 16.37
CA THR A 96 -1.10 3.85 16.69
C THR A 96 -0.51 4.25 15.34
N MET A 97 0.07 5.43 15.27
CA MET A 97 0.49 6.01 13.99
C MET A 97 1.53 7.09 14.28
N PRO A 98 2.62 7.16 13.49
CA PRO A 98 3.58 8.23 13.81
C PRO A 98 3.04 9.63 13.50
N GLU A 99 3.48 10.57 14.32
CA GLU A 99 3.01 11.95 14.32
C GLU A 99 3.49 12.73 13.08
N THR A 100 4.28 12.07 12.23
CA THR A 100 4.79 12.66 10.99
C THR A 100 3.82 12.39 9.86
N MET A 101 2.82 11.53 10.08
CA MET A 101 1.88 11.18 8.97
C MET A 101 0.82 12.28 8.69
N SER A 102 0.26 12.34 7.47
CA SER A 102 -0.56 13.49 7.08
C SER A 102 -1.71 13.72 8.07
N LEU A 103 -2.07 14.99 8.30
CA LEU A 103 -3.09 15.33 9.29
C LEU A 103 -4.44 14.82 8.82
N GLU A 104 -4.55 14.55 7.51
CA GLU A 104 -5.79 14.02 6.94
C GLU A 104 -6.02 12.59 7.44
N ARG A 105 -4.93 11.88 7.73
CA ARG A 105 -5.06 10.52 8.22
C ARG A 105 -5.65 10.57 9.61
N ARG A 106 -5.19 11.53 10.42
CA ARG A 106 -5.70 11.68 11.77
C ARG A 106 -7.18 11.98 11.77
N MET A 107 -7.57 12.96 10.96
CA MET A 107 -8.97 13.35 10.87
C MET A 107 -9.90 12.27 10.37
N LEU A 108 -9.45 11.49 9.39
CA LEU A 108 -10.28 10.41 8.84
C LEU A 108 -10.54 9.29 9.85
N LEU A 109 -9.46 8.83 10.50
CA LEU A 109 -9.55 7.90 11.63
C LEU A 109 -10.65 8.31 12.61
N ARG A 110 -10.62 9.56 13.05
CA ARG A 110 -11.59 10.01 14.04
C ARG A 110 -13.01 10.01 13.45
N ALA A 111 -13.11 10.38 12.16
CA ALA A 111 -14.39 10.58 11.49
C ALA A 111 -15.14 9.26 11.36
N TYR A 112 -14.38 8.18 11.25
CA TYR A 112 -14.94 6.84 11.20
C TYR A 112 -15.20 6.33 12.62
N GLY A 113 -15.03 7.19 13.61
CA GLY A 113 -15.28 6.83 15.00
C GLY A 113 -14.21 5.98 15.68
N ALA A 114 -13.07 5.84 15.01
CA ALA A 114 -11.93 5.14 15.57
C ALA A 114 -11.20 6.06 16.54
N GLU A 115 -10.30 5.49 17.35
CA GLU A 115 -9.46 6.27 18.28
C GLU A 115 -8.00 6.13 17.86
N LEU A 116 -7.24 7.19 18.15
CA LEU A 116 -5.88 7.34 17.62
C LEU A 116 -4.90 7.61 18.74
N ILE A 117 -3.75 6.94 18.70
CA ILE A 117 -2.64 7.27 19.59
C ILE A 117 -1.42 7.60 18.74
N LEU A 118 -0.93 8.83 18.88
CA LEU A 118 0.22 9.26 18.11
C LEU A 118 1.51 8.82 18.78
N THR A 119 2.42 8.26 17.97
CA THR A 119 3.76 7.86 18.44
C THR A 119 4.84 8.84 17.91
N PRO A 120 6.04 8.85 18.52
CA PRO A 120 7.05 9.84 18.14
C PRO A 120 7.56 9.72 16.70
N GLY A 121 7.71 10.86 16.03
CA GLY A 121 8.14 10.90 14.64
C GLY A 121 9.57 10.43 14.39
N ALA A 122 10.43 10.56 15.40
CA ALA A 122 11.83 10.14 15.27
C ALA A 122 11.94 8.61 15.26
N ASP A 123 10.93 7.93 15.79
CA ASP A 123 10.91 6.46 15.86
C ASP A 123 10.11 5.82 14.73
N GLY A 124 9.39 6.64 13.96
CA GLY A 124 8.72 6.19 12.73
C GLY A 124 7.84 4.98 12.96
N MET A 125 7.73 4.13 11.93
CA MET A 125 6.89 2.93 12.01
C MET A 125 7.29 1.90 13.07
N SER A 126 8.59 1.80 13.39
CA SER A 126 9.09 0.84 14.39
C SER A 126 8.45 1.14 15.76
N GLY A 127 8.32 2.43 16.04
CA GLY A 127 7.79 2.93 17.31
C GLY A 127 6.29 2.91 17.38
N ALA A 128 5.63 2.93 16.22
CA ALA A 128 4.18 2.75 16.16
C ALA A 128 3.86 1.29 16.48
N ILE A 129 4.70 0.40 15.98
CA ILE A 129 4.59 -1.02 16.28
C ILE A 129 4.77 -1.25 17.77
N ALA A 130 5.87 -0.78 18.34
CA ALA A 130 6.16 -0.95 19.77
C ALA A 130 5.00 -0.51 20.68
N LYS A 131 4.51 0.71 20.51
CA LYS A 131 3.36 1.17 21.28
C LYS A 131 2.14 0.22 21.20
N ALA A 132 1.87 -0.34 20.03
CA ALA A 132 0.75 -1.30 19.88
C ALA A 132 1.06 -2.59 20.65
N GLU A 133 2.25 -3.15 20.45
CA GLU A 133 2.67 -4.39 21.12
C GLU A 133 2.72 -4.19 22.64
N GLU A 134 3.05 -2.96 23.04
CA GLU A 134 3.13 -2.57 24.46
C GLU A 134 1.74 -2.40 25.08
N LEU A 135 0.79 -1.91 24.29
CA LEU A 135 -0.58 -1.75 24.76
C LEU A 135 -1.31 -3.07 24.79
N ALA A 136 -0.95 -3.95 23.85
CA ALA A 136 -1.57 -5.27 23.71
C ALA A 136 -1.43 -6.08 24.99
N LYS A 137 -0.26 -6.01 25.61
CA LYS A 137 0.04 -6.82 26.79
C LYS A 137 -0.52 -6.21 28.07
N THR A 138 -0.98 -4.96 28.01
CA THR A 138 -1.66 -4.34 29.17
C THR A 138 -3.10 -4.84 29.32
N ASP A 139 -3.71 -5.29 28.23
CA ASP A 139 -5.12 -5.68 28.24
C ASP A 139 -5.42 -6.77 27.22
N GLN A 140 -6.02 -7.88 27.69
CA GLN A 140 -6.36 -9.04 26.86
C GLN A 140 -7.43 -8.78 25.78
N ARG A 141 -8.19 -7.70 25.95
CA ARG A 141 -9.22 -7.27 24.99
C ARG A 141 -8.66 -6.86 23.63
N TYR A 142 -7.41 -6.40 23.61
CA TYR A 142 -6.82 -5.99 22.34
C TYR A 142 -6.59 -7.14 21.38
N PHE A 143 -6.94 -6.93 20.12
CA PHE A 143 -6.54 -7.82 19.06
C PHE A 143 -5.74 -7.00 18.06
N VAL A 144 -4.51 -7.43 17.79
CA VAL A 144 -3.60 -6.73 16.91
C VAL A 144 -3.42 -7.54 15.63
N PRO A 145 -4.10 -7.12 14.54
CA PRO A 145 -3.95 -7.77 13.25
C PRO A 145 -2.48 -7.90 12.82
N GLN A 146 -1.74 -6.80 12.92
CA GLN A 146 -0.32 -6.79 12.61
C GLN A 146 -0.05 -7.07 11.14
N GLN A 147 -0.38 -6.08 10.32
CA GLN A 147 -0.22 -6.11 8.86
C GLN A 147 1.16 -6.52 8.38
N PHE A 148 2.18 -6.24 9.16
CA PHE A 148 3.53 -6.59 8.77
C PHE A 148 3.83 -8.08 8.94
N GLU A 149 2.92 -8.82 9.57
CA GLU A 149 3.16 -10.26 9.85
C GLU A 149 2.02 -11.14 9.41
N ASN A 150 0.87 -10.54 9.16
CA ASN A 150 -0.37 -11.26 8.93
C ASN A 150 -0.41 -11.93 7.55
N PRO A 151 -0.57 -13.27 7.52
CA PRO A 151 -0.68 -14.02 6.26
C PRO A 151 -1.85 -13.55 5.38
N ALA A 152 -2.91 -13.01 5.98
CA ALA A 152 -4.10 -12.55 5.25
C ALA A 152 -3.82 -11.33 4.39
N ASN A 153 -2.70 -10.67 4.68
CA ASN A 153 -2.30 -9.48 3.95
C ASN A 153 -1.82 -9.88 2.54
N PRO A 154 -0.71 -10.64 2.43
CA PRO A 154 -0.40 -11.08 1.06
C PRO A 154 -1.45 -12.00 0.42
N ALA A 155 -2.21 -12.76 1.23
CA ALA A 155 -3.26 -13.66 0.71
C ALA A 155 -4.37 -12.95 -0.07
N ILE A 156 -4.84 -11.82 0.43
CA ILE A 156 -5.89 -11.10 -0.26
C ILE A 156 -5.36 -10.56 -1.60
N HIS A 157 -4.07 -10.29 -1.65
CA HIS A 157 -3.47 -9.78 -2.86
C HIS A 157 -3.35 -10.86 -3.92
N ARG A 158 -3.20 -12.12 -3.51
CA ARG A 158 -3.18 -13.27 -4.42
C ARG A 158 -4.55 -13.45 -5.03
N VAL A 159 -5.55 -13.36 -4.15
CA VAL A 159 -6.92 -13.70 -4.47
C VAL A 159 -7.57 -12.56 -5.26
N THR A 160 -7.15 -11.34 -5.04
CA THR A 160 -7.77 -10.22 -5.71
C THR A 160 -6.77 -9.45 -6.59
N THR A 161 -5.78 -8.79 -5.98
CA THR A 161 -4.93 -7.90 -6.79
C THR A 161 -4.28 -8.64 -7.96
N ALA A 162 -3.66 -9.79 -7.67
CA ALA A 162 -2.94 -10.57 -8.68
C ALA A 162 -3.84 -10.97 -9.85
N GLU A 163 -5.03 -11.46 -9.53
CA GLU A 163 -5.97 -11.92 -10.56
C GLU A 163 -6.53 -10.74 -11.34
N GLU A 164 -6.66 -9.60 -10.68
CA GLU A 164 -7.16 -8.43 -11.35
C GLU A 164 -6.13 -8.01 -12.39
N VAL A 165 -4.84 -8.19 -12.07
CA VAL A 165 -3.76 -7.71 -12.95
C VAL A 165 -3.64 -8.66 -14.09
N TRP A 166 -3.64 -9.95 -13.78
CA TRP A 166 -3.63 -11.01 -14.79
C TRP A 166 -4.81 -10.91 -15.77
N ARG A 167 -6.04 -10.86 -15.27
CA ARG A 167 -7.20 -10.82 -16.15
C ARG A 167 -7.18 -9.58 -17.02
N ASP A 168 -6.83 -8.45 -16.43
CA ASP A 168 -7.03 -7.16 -17.05
C ASP A 168 -6.02 -6.89 -18.17
N THR A 169 -4.81 -7.42 -18.01
CA THR A 169 -3.74 -7.38 -19.03
C THR A 169 -3.81 -8.64 -19.89
N ASP A 170 -4.78 -9.51 -19.60
CA ASP A 170 -5.01 -10.74 -20.39
C ASP A 170 -3.73 -11.60 -20.40
N GLY A 171 -3.05 -11.66 -19.23
CA GLY A 171 -1.80 -12.39 -19.08
C GLY A 171 -0.57 -11.74 -19.71
N LYS A 172 -0.73 -10.59 -20.35
CA LYS A 172 0.37 -9.97 -21.08
C LYS A 172 1.36 -9.18 -20.19
N VAL A 173 0.99 -8.90 -18.94
CA VAL A 173 1.88 -8.21 -17.99
C VAL A 173 3.28 -8.83 -17.95
N ASP A 174 4.31 -7.97 -18.04
CA ASP A 174 5.69 -8.44 -18.01
C ASP A 174 6.43 -8.05 -16.73
N ILE A 175 6.18 -6.83 -16.26
CA ILE A 175 6.84 -6.32 -15.06
C ILE A 175 5.82 -5.62 -14.18
N VAL A 176 5.96 -5.79 -12.87
CA VAL A 176 5.10 -5.11 -11.90
C VAL A 176 5.99 -4.32 -11.00
N VAL A 177 5.69 -3.02 -10.88
CA VAL A 177 6.49 -2.08 -10.01
C VAL A 177 5.57 -1.66 -8.87
N ALA A 178 6.09 -1.68 -7.65
CA ALA A 178 5.27 -1.38 -6.48
C ALA A 178 6.11 -0.97 -5.29
N GLY A 179 5.70 0.13 -4.66
CA GLY A 179 6.29 0.56 -3.40
C GLY A 179 6.01 -0.50 -2.35
N VAL A 180 6.92 -0.62 -1.38
CA VAL A 180 6.87 -1.63 -0.32
C VAL A 180 6.73 -0.99 1.05
N GLY A 181 5.59 -1.24 1.71
CA GLY A 181 5.41 -0.83 3.10
C GLY A 181 5.55 -2.08 3.95
N THR A 182 4.50 -2.91 3.87
CA THR A 182 4.51 -4.24 4.44
C THR A 182 5.06 -5.21 3.40
N GLY A 183 4.98 -4.82 2.13
CA GLY A 183 5.37 -5.68 1.01
C GLY A 183 4.31 -6.70 0.63
N GLY A 184 3.10 -6.54 1.18
CA GLY A 184 2.03 -7.47 0.97
C GLY A 184 1.56 -7.39 -0.47
N THR A 185 1.49 -6.17 -1.01
CA THR A 185 1.01 -5.97 -2.38
C THR A 185 1.94 -6.69 -3.31
N ILE A 186 3.22 -6.31 -3.30
CA ILE A 186 4.14 -6.89 -4.26
C ILE A 186 4.27 -8.42 -4.09
N THR A 187 4.30 -8.90 -2.85
CA THR A 187 4.42 -10.33 -2.57
C THR A 187 3.23 -11.15 -3.06
N GLY A 188 2.01 -10.74 -2.70
CA GLY A 188 0.79 -11.37 -3.20
C GLY A 188 0.70 -11.40 -4.71
N VAL A 189 1.05 -10.32 -5.37
CA VAL A 189 0.98 -10.27 -6.83
C VAL A 189 2.03 -11.18 -7.45
N ALA A 190 3.26 -11.11 -6.95
CA ALA A 190 4.34 -11.97 -7.44
C ALA A 190 4.05 -13.47 -7.22
N GLN A 191 3.44 -13.80 -6.09
CA GLN A 191 3.13 -15.18 -5.75
C GLN A 191 2.28 -15.87 -6.80
N VAL A 192 1.28 -15.14 -7.30
CA VAL A 192 0.39 -15.71 -8.31
C VAL A 192 0.96 -15.60 -9.74
N ILE A 193 1.32 -14.38 -10.13
CA ILE A 193 1.77 -14.05 -11.48
C ILE A 193 3.07 -14.73 -11.87
N LYS A 194 4.05 -14.73 -10.97
CA LYS A 194 5.33 -15.41 -11.23
C LYS A 194 5.19 -16.93 -11.41
N GLU A 195 4.27 -17.57 -10.70
CA GLU A 195 4.07 -19.02 -10.88
C GLU A 195 3.42 -19.28 -12.24
N ARG A 196 2.34 -18.56 -12.52
CA ARG A 196 1.65 -18.54 -13.78
C ARG A 196 2.52 -18.19 -15.00
N LYS A 197 3.42 -17.22 -14.84
CA LYS A 197 4.26 -16.68 -15.93
C LYS A 197 5.68 -16.41 -15.39
N PRO A 198 6.55 -17.44 -15.40
CA PRO A 198 7.85 -17.35 -14.75
C PRO A 198 8.80 -16.28 -15.30
N SER A 199 8.47 -15.72 -16.47
CA SER A 199 9.25 -14.62 -17.07
C SER A 199 8.92 -13.26 -16.48
N ALA A 200 7.77 -13.16 -15.81
CA ALA A 200 7.33 -11.94 -15.13
C ALA A 200 8.39 -11.50 -14.11
N ARG A 201 8.58 -10.19 -13.99
CA ARG A 201 9.58 -9.62 -13.09
C ARG A 201 8.97 -8.59 -12.16
N PHE A 202 9.54 -8.49 -10.97
CA PHE A 202 8.94 -7.72 -9.89
C PHE A 202 9.93 -6.77 -9.24
N VAL A 203 9.59 -5.48 -9.33
CA VAL A 203 10.47 -4.41 -8.85
C VAL A 203 9.90 -3.74 -7.59
N ALA A 204 10.64 -3.85 -6.48
CA ALA A 204 10.25 -3.18 -5.24
C ALA A 204 10.78 -1.74 -5.25
N VAL A 205 10.00 -0.81 -4.72
CA VAL A 205 10.40 0.58 -4.65
C VAL A 205 10.50 1.05 -3.19
N GLU A 206 11.59 1.71 -2.85
CA GLU A 206 11.79 2.22 -1.49
C GLU A 206 12.44 3.60 -1.49
N PRO A 207 12.31 4.39 -0.41
CA PRO A 207 12.95 5.71 -0.41
C PRO A 207 14.47 5.61 -0.46
N ALA A 208 15.09 6.44 -1.30
CA ALA A 208 16.52 6.67 -1.26
C ALA A 208 16.97 7.09 0.14
N ALA A 209 16.11 7.85 0.84
CA ALA A 209 16.41 8.39 2.17
C ALA A 209 16.32 7.34 3.28
N SER A 210 15.75 6.17 2.97
CA SER A 210 15.68 5.08 3.93
C SER A 210 15.80 3.73 3.22
N PRO A 211 16.99 3.43 2.67
CA PRO A 211 17.13 2.29 1.77
C PRO A 211 17.49 0.98 2.50
N VAL A 212 16.60 0.52 3.39
CA VAL A 212 16.83 -0.67 4.22
C VAL A 212 16.90 -1.97 3.37
N LEU A 213 16.05 -2.07 2.36
CA LEU A 213 16.01 -3.28 1.53
C LEU A 213 17.24 -3.37 0.65
N SER A 214 17.79 -2.22 0.27
CA SER A 214 18.98 -2.17 -0.55
C SER A 214 20.23 -2.39 0.31
N GLY A 215 20.03 -2.60 1.61
CA GLY A 215 21.11 -2.88 2.54
C GLY A 215 21.65 -1.66 3.27
N GLY A 216 20.98 -0.53 3.14
CA GLY A 216 21.36 0.69 3.84
C GLY A 216 20.65 0.83 5.17
N GLN A 217 20.93 1.93 5.87
CA GLN A 217 20.33 2.20 7.18
C GLN A 217 19.06 3.03 7.06
N LYS A 218 18.14 2.87 8.01
CA LYS A 218 16.85 3.56 7.97
C LYS A 218 17.00 5.06 8.20
N GLY A 219 16.02 5.83 7.74
CA GLY A 219 16.04 7.28 7.97
C GLY A 219 14.69 7.90 7.73
N PRO A 220 14.48 9.15 8.21
CA PRO A 220 13.21 9.87 8.00
C PRO A 220 13.03 10.30 6.55
N HIS A 221 11.80 10.15 6.04
CA HIS A 221 11.45 10.50 4.66
C HIS A 221 9.96 10.88 4.58
N PRO A 222 9.56 11.67 3.56
CA PRO A 222 8.17 12.04 3.37
C PRO A 222 7.36 11.02 2.57
N ILE A 223 7.97 9.91 2.14
CA ILE A 223 7.21 9.00 1.27
C ILE A 223 6.28 8.08 2.09
N GLN A 224 5.22 8.67 2.60
CA GLN A 224 4.32 8.00 3.53
C GLN A 224 3.76 6.73 2.93
N GLY A 225 3.83 5.66 3.71
CA GLY A 225 3.32 4.38 3.29
C GLY A 225 4.42 3.41 3.04
N ILE A 226 5.58 3.89 2.61
CA ILE A 226 6.67 2.97 2.28
C ILE A 226 7.88 3.33 3.12
N GLY A 227 8.97 2.55 3.00
CA GLY A 227 10.16 2.78 3.81
C GLY A 227 9.82 2.77 5.28
N ALA A 228 9.43 1.59 5.78
CA ALA A 228 9.09 1.40 7.20
C ALA A 228 10.31 1.43 8.13
N GLY A 229 11.51 1.18 7.60
CA GLY A 229 12.75 1.18 8.39
C GLY A 229 13.30 -0.15 8.85
N PHE A 230 12.71 -1.23 8.30
CA PHE A 230 13.06 -2.63 8.61
C PHE A 230 12.52 -3.52 7.48
N VAL A 231 12.98 -4.77 7.47
CA VAL A 231 12.52 -5.74 6.48
C VAL A 231 11.27 -6.44 7.02
N PRO A 232 10.08 -6.15 6.43
CA PRO A 232 8.85 -6.73 6.97
C PRO A 232 8.80 -8.26 6.80
N PRO A 233 8.42 -8.99 7.87
CA PRO A 233 8.25 -10.45 7.78
C PRO A 233 7.39 -10.94 6.58
N VAL A 234 6.39 -10.15 6.22
CA VAL A 234 5.42 -10.49 5.18
C VAL A 234 5.99 -10.47 3.75
N LEU A 235 7.02 -9.66 3.52
CA LEU A 235 7.69 -9.58 2.23
C LEU A 235 8.46 -10.86 1.96
N ASP A 236 8.34 -11.38 0.74
CA ASP A 236 9.20 -12.47 0.30
C ASP A 236 10.26 -11.96 -0.67
N GLN A 237 11.46 -11.72 -0.16
CA GLN A 237 12.51 -11.08 -0.97
C GLN A 237 13.00 -11.98 -2.10
N ASP A 238 12.72 -13.27 -2.01
CA ASP A 238 13.11 -14.23 -3.05
CA ASP A 238 13.07 -14.27 -3.03
C ASP A 238 12.30 -14.03 -4.33
N LEU A 239 11.15 -13.36 -4.22
CA LEU A 239 10.27 -13.11 -5.37
C LEU A 239 10.55 -11.77 -6.02
N VAL A 240 11.11 -10.84 -5.26
CA VAL A 240 11.50 -9.55 -5.79
C VAL A 240 12.75 -9.70 -6.64
N ASP A 241 12.71 -9.12 -7.84
CA ASP A 241 13.81 -9.23 -8.79
C ASP A 241 14.76 -8.07 -8.78
N GLU A 242 14.26 -6.90 -8.34
CA GLU A 242 15.07 -5.70 -8.30
C GLU A 242 14.51 -4.69 -7.29
N ILE A 243 15.39 -4.03 -6.56
CA ILE A 243 14.99 -2.90 -5.73
C ILE A 243 15.44 -1.62 -6.45
N ILE A 244 14.57 -0.60 -6.46
CA ILE A 244 14.94 0.74 -6.88
C ILE A 244 14.64 1.72 -5.73
N THR A 245 15.61 2.59 -5.40
CA THR A 245 15.40 3.64 -4.43
C THR A 245 15.07 4.95 -5.17
N VAL A 246 14.10 5.70 -4.62
CA VAL A 246 13.65 6.94 -5.24
C VAL A 246 13.86 8.14 -4.27
N GLY A 247 14.41 9.25 -4.77
CA GLY A 247 14.66 10.47 -3.98
C GLY A 247 13.35 11.19 -3.69
N ASN A 248 13.35 12.02 -2.64
CA ASN A 248 12.12 12.67 -2.20
C ASN A 248 11.57 13.60 -3.28
N GLU A 249 12.45 14.41 -3.84
CA GLU A 249 12.10 15.38 -4.89
C GLU A 249 11.52 14.74 -6.14
N ASP A 250 12.12 13.65 -6.63
CA ASP A 250 11.58 12.90 -7.79
C ASP A 250 10.18 12.36 -7.53
N ALA A 251 10.02 11.68 -6.40
CA ALA A 251 8.75 11.15 -5.96
C ALA A 251 7.71 12.26 -5.99
N LEU A 252 8.01 13.38 -5.35
CA LEU A 252 7.10 14.52 -5.35
C LEU A 252 6.82 15.08 -6.73
N ASN A 253 7.86 15.34 -7.52
CA ASN A 253 7.70 15.91 -8.85
C ASN A 253 6.80 15.06 -9.75
N VAL A 254 7.04 13.76 -9.73
CA VAL A 254 6.29 12.86 -10.59
C VAL A 254 4.85 12.76 -10.07
N ALA A 255 4.66 12.78 -8.74
CA ALA A 255 3.31 12.79 -8.20
C ALA A 255 2.57 14.00 -8.80
N ARG A 256 3.26 15.13 -8.87
CA ARG A 256 2.68 16.39 -9.39
C ARG A 256 2.39 16.31 -10.89
N ARG A 257 3.30 15.70 -11.66
CA ARG A 257 3.13 15.57 -13.09
C ARG A 257 1.95 14.64 -13.41
N LEU A 258 1.78 13.57 -12.64
CA LEU A 258 0.62 12.68 -12.81
C LEU A 258 -0.67 13.44 -12.63
N ALA A 259 -0.74 14.33 -11.66
CA ALA A 259 -1.97 15.09 -11.48
C ALA A 259 -2.15 16.01 -12.69
N ARG A 260 -1.08 16.69 -13.07
CA ARG A 260 -1.16 17.79 -14.01
C ARG A 260 -1.15 17.37 -15.48
N GLU A 261 -0.59 16.20 -15.76
CA GLU A 261 -0.42 15.75 -17.14
C GLU A 261 -1.32 14.57 -17.48
N GLU A 262 -1.69 13.76 -16.48
CA GLU A 262 -2.53 12.56 -16.68
C GLU A 262 -3.94 12.70 -16.10
N GLY A 263 -4.16 13.70 -15.25
CA GLY A 263 -5.40 13.82 -14.49
C GLY A 263 -5.50 12.78 -13.39
N LEU A 264 -4.35 12.30 -12.92
CA LEU A 264 -4.28 11.31 -11.83
C LEU A 264 -3.74 11.95 -10.55
N LEU A 265 -4.64 12.32 -9.65
CA LEU A 265 -4.25 12.98 -8.39
C LEU A 265 -3.95 11.87 -7.36
N VAL A 266 -2.67 11.62 -7.14
CA VAL A 266 -2.24 10.46 -6.38
C VAL A 266 -1.23 10.89 -5.30
N GLY A 267 -1.04 10.07 -4.28
CA GLY A 267 -0.16 10.37 -3.19
C GLY A 267 1.30 10.23 -3.55
N ILE A 268 2.13 10.47 -2.54
CA ILE A 268 3.58 10.59 -2.74
C ILE A 268 4.21 9.27 -3.16
N SER A 269 3.73 8.18 -2.57
CA SER A 269 4.23 6.82 -2.84
C SER A 269 3.93 6.34 -4.29
N SER A 270 2.87 6.90 -4.87
CA SER A 270 2.54 6.65 -6.27
C SER A 270 3.50 7.38 -7.21
N GLY A 271 4.01 8.52 -6.76
CA GLY A 271 5.01 9.25 -7.54
C GLY A 271 6.23 8.37 -7.50
N ALA A 272 6.65 8.00 -6.28
CA ALA A 272 7.81 7.13 -6.13
C ALA A 272 7.67 5.87 -7.00
N ALA A 273 6.57 5.12 -6.91
CA ALA A 273 6.47 3.90 -7.78
C ALA A 273 6.62 4.25 -9.29
N THR A 274 6.14 5.41 -9.69
CA THR A 274 6.16 5.79 -11.10
C THR A 274 7.56 6.22 -11.55
N VAL A 275 8.28 6.95 -10.70
CA VAL A 275 9.69 7.24 -10.98
C VAL A 275 10.37 5.90 -11.36
N ALA A 276 10.23 4.90 -10.49
CA ALA A 276 10.79 3.58 -10.72
C ALA A 276 10.28 2.92 -12.01
N ALA A 277 8.97 3.03 -12.26
CA ALA A 277 8.36 2.38 -13.45
C ALA A 277 8.89 3.02 -14.73
N LEU A 278 9.11 4.32 -14.69
CA LEU A 278 9.68 5.04 -15.79
C LEU A 278 11.15 4.68 -16.07
N GLN A 279 11.95 4.66 -15.01
CA GLN A 279 13.34 4.22 -15.09
C GLN A 279 13.45 2.85 -15.75
N VAL A 280 12.68 1.89 -15.26
CA VAL A 280 12.65 0.52 -15.81
C VAL A 280 12.22 0.50 -17.30
N ALA A 281 11.25 1.35 -17.65
CA ALA A 281 10.71 1.44 -19.01
C ALA A 281 11.65 2.07 -20.04
N ARG A 282 12.77 2.61 -19.61
CA ARG A 282 13.73 3.22 -20.53
C ARG A 282 14.80 2.26 -20.98
N ARG A 283 14.80 1.07 -20.39
CA ARG A 283 15.81 0.07 -20.67
C ARG A 283 15.50 -0.57 -22.04
N PRO A 284 16.47 -0.48 -22.98
CA PRO A 284 16.30 -1.03 -24.31
C PRO A 284 15.73 -2.43 -24.28
N GLU A 285 16.27 -3.30 -23.43
CA GLU A 285 15.81 -4.68 -23.30
C GLU A 285 14.31 -4.86 -22.95
N ASN A 286 13.65 -3.78 -22.53
CA ASN A 286 12.21 -3.77 -22.21
C ASN A 286 11.30 -3.16 -23.29
N ALA A 287 11.84 -2.89 -24.47
CA ALA A 287 11.06 -2.33 -25.58
C ALA A 287 9.84 -3.20 -25.90
N GLY A 288 8.67 -2.57 -25.85
CA GLY A 288 7.41 -3.24 -26.17
C GLY A 288 6.85 -4.18 -25.10
N LYS A 289 7.45 -4.17 -23.91
CA LYS A 289 6.91 -4.96 -22.81
C LYS A 289 5.78 -4.21 -22.11
N LEU A 290 4.99 -4.93 -21.32
CA LEU A 290 3.92 -4.29 -20.56
C LEU A 290 4.22 -4.19 -19.05
N ILE A 291 4.39 -2.96 -18.57
CA ILE A 291 4.67 -2.64 -17.15
C ILE A 291 3.43 -2.11 -16.41
N VAL A 292 3.17 -2.71 -15.24
CA VAL A 292 2.07 -2.30 -14.35
C VAL A 292 2.66 -1.68 -13.09
N VAL A 293 2.35 -0.41 -12.84
CA VAL A 293 2.81 0.29 -11.65
C VAL A 293 1.59 0.42 -10.73
N VAL A 294 1.75 0.05 -9.47
CA VAL A 294 0.63 0.16 -8.54
C VAL A 294 0.61 1.56 -7.95
N LEU A 295 -0.53 2.24 -8.12
CA LEU A 295 -0.72 3.61 -7.56
C LEU A 295 -1.61 3.53 -6.29
N PRO A 296 -1.00 3.49 -5.08
CA PRO A 296 -1.73 3.12 -3.85
C PRO A 296 -2.92 3.98 -3.36
N ASP A 297 -2.87 5.30 -3.54
CA ASP A 297 -3.90 6.19 -2.97
C ASP A 297 -4.03 7.55 -3.66
N PHE A 298 -4.92 8.39 -3.13
CA PHE A 298 -5.39 9.61 -3.76
C PHE A 298 -4.69 10.78 -3.08
N GLY A 299 -4.43 11.83 -3.85
CA GLY A 299 -3.57 12.90 -3.39
C GLY A 299 -4.26 13.84 -2.42
N GLU A 300 -5.59 13.74 -2.35
CA GLU A 300 -6.41 14.54 -1.45
C GLU A 300 -6.09 14.29 0.02
N ARG A 301 -5.47 13.15 0.29
CA ARG A 301 -5.05 12.81 1.62
C ARG A 301 -3.75 13.54 2.02
N TYR A 302 -3.27 14.45 1.18
CA TYR A 302 -1.90 14.95 1.29
C TYR A 302 -1.83 16.47 1.19
N LEU A 303 -2.99 17.12 1.25
CA LEU A 303 -3.08 18.56 1.05
C LEU A 303 -2.24 19.35 2.09
N SER A 304 -2.09 18.76 3.28
CA SER A 304 -1.34 19.39 4.37
C SER A 304 0.14 19.13 4.22
N THR A 305 0.51 18.19 3.35
CA THR A 305 1.92 17.83 3.16
C THR A 305 2.60 18.74 2.15
N PRO A 306 3.93 18.63 1.99
CA PRO A 306 4.61 19.44 0.98
C PRO A 306 4.34 19.02 -0.48
N LEU A 307 3.68 17.88 -0.70
CA LEU A 307 3.20 17.49 -2.04
C LEU A 307 2.41 18.65 -2.61
N PHE A 308 1.70 19.34 -1.72
CA PHE A 308 0.91 20.50 -2.05
C PHE A 308 1.21 21.64 -1.07
N ALA A 309 1.86 22.67 -1.59
CA ALA A 309 2.22 23.82 -0.79
C ALA A 309 2.81 24.86 -1.73
#